data_2VZC
#
_entry.id   2VZC
#
_cell.length_a   44.144
_cell.length_b   71.197
_cell.length_c   47.146
_cell.angle_alpha   90.00
_cell.angle_beta   99.88
_cell.angle_gamma   90.00
#
_symmetry.space_group_name_H-M   'P 1 21 1'
#
loop_
_entity.id
_entity.type
_entity.pdbx_description
1 polymer ALPHA-PARVIN
2 non-polymer 2-AMINO-2-HYDROXYMETHYL-PROPANE-1,3-DIOL
3 non-polymer GLYCEROL
4 non-polymer (4R)-2-METHYLPENTANE-2,4-DIOL
5 non-polymer (4S)-2-METHYL-2,4-PENTANEDIOL
6 water water
#
_entity_poly.entity_id   1
_entity_poly.type   'polypeptide(L)'
_entity_poly.pdbx_seq_one_letter_code
;SGRHERDAFDTLFDHAPDKLNVVKKTLITFVNKHLNKLNLEVTELETQFADGVYLVLLMGLLEGYFVPLHSFFLTPDSFE
QKVLNVSFAFELMQDGGLEKPKPRPEDIVNCDLKSTLRVLYNLFTKYRNVE
;
_entity_poly.pdbx_strand_id   A,B
#
# COMPACT_ATOMS: atom_id res chain seq x y z
N GLU A 5 -21.06 3.58 6.82
N GLU A 5 -20.62 4.20 6.94
CA GLU A 5 -21.20 5.00 6.43
CA GLU A 5 -20.96 5.57 6.45
C GLU A 5 -21.22 5.15 4.92
C GLU A 5 -21.08 5.59 4.94
N ARG A 6 -22.06 6.08 4.50
N ARG A 6 -22.17 6.19 4.47
CA ARG A 6 -22.19 6.43 3.10
CA ARG A 6 -22.34 6.47 3.06
C ARG A 6 -22.26 7.93 2.91
C ARG A 6 -22.33 7.95 2.89
N ASP A 7 -22.03 8.38 1.68
CA ASP A 7 -22.00 9.79 1.36
C ASP A 7 -22.77 10.11 0.11
N ALA A 8 -22.70 11.37 -0.34
CA ALA A 8 -23.50 11.80 -1.46
C ALA A 8 -23.11 11.05 -2.74
N PHE A 9 -21.88 10.54 -2.84
CA PHE A 9 -21.47 9.83 -4.01
C PHE A 9 -22.14 8.46 -3.98
N ASP A 10 -22.23 7.81 -2.80
CA ASP A 10 -23.03 6.60 -2.71
C ASP A 10 -24.46 6.88 -3.14
N THR A 11 -25.03 7.98 -2.66
CA THR A 11 -26.43 8.26 -2.97
C THR A 11 -26.65 8.43 -4.45
N LEU A 12 -25.79 9.15 -5.15
N LEU A 12 -25.72 9.19 -5.03
CA LEU A 12 -26.05 9.34 -6.57
CA LEU A 12 -25.70 9.49 -6.46
C LEU A 12 -25.78 8.03 -7.31
C LEU A 12 -25.65 8.19 -7.26
N PHE A 13 -24.69 7.33 -6.93
CA PHE A 13 -24.42 6.10 -7.68
C PHE A 13 -25.60 5.12 -7.51
N ASP A 14 -26.09 5.01 -6.28
CA ASP A 14 -27.06 4.00 -5.96
C ASP A 14 -28.48 4.37 -6.39
N HIS A 15 -28.77 5.68 -6.45
CA HIS A 15 -30.17 6.14 -6.61
C HIS A 15 -30.40 7.11 -7.75
N ALA A 16 -29.40 7.65 -8.43
CA ALA A 16 -29.64 8.77 -9.36
C ALA A 16 -29.03 8.48 -10.70
N PRO A 17 -29.69 7.63 -11.52
CA PRO A 17 -29.13 7.33 -12.84
C PRO A 17 -28.76 8.54 -13.72
N ASP A 18 -29.56 9.60 -13.75
CA ASP A 18 -29.22 10.75 -14.61
C ASP A 18 -27.99 11.49 -14.11
N LYS A 19 -27.85 11.63 -12.80
CA LYS A 19 -26.68 12.32 -12.27
C LYS A 19 -25.44 11.43 -12.48
N LEU A 20 -25.61 10.12 -12.24
CA LEU A 20 -24.50 9.20 -12.49
C LEU A 20 -24.04 9.30 -13.95
N ASN A 21 -24.99 9.47 -14.87
N ASN A 21 -25.01 9.49 -14.84
CA ASN A 21 -24.63 9.54 -16.27
CA ASN A 21 -24.72 9.58 -16.25
C ASN A 21 -23.77 10.76 -16.58
C ASN A 21 -23.78 10.73 -16.56
N VAL A 22 -24.07 11.90 -16.01
CA VAL A 22 -23.22 13.06 -16.30
C VAL A 22 -21.90 12.94 -15.58
N VAL A 23 -21.89 12.33 -14.41
CA VAL A 23 -20.58 12.01 -13.78
C VAL A 23 -19.72 11.17 -14.71
N LYS A 24 -20.23 10.06 -15.20
N LYS A 24 -20.27 10.11 -15.28
N LYS A 24 -20.27 10.12 -15.30
CA LYS A 24 -19.43 9.22 -16.05
CA LYS A 24 -19.52 9.24 -16.23
CA LYS A 24 -19.52 9.21 -16.17
C LYS A 24 -18.97 9.99 -17.25
C LYS A 24 -18.96 10.02 -17.42
C LYS A 24 -19.00 9.85 -17.48
N LYS A 25 -19.90 10.76 -17.83
N LYS A 25 -19.82 10.77 -18.10
N LYS A 25 -19.82 10.65 -18.15
CA LYS A 25 -19.60 11.50 -19.03
CA LYS A 25 -19.40 11.49 -19.29
CA LYS A 25 -19.34 11.45 -19.29
C LYS A 25 -18.41 12.41 -18.82
C LYS A 25 -18.36 12.56 -18.94
C LYS A 25 -18.26 12.47 -18.87
N THR A 26 -18.46 13.14 -17.74
CA THR A 26 -17.47 14.13 -17.34
C THR A 26 -16.13 13.43 -17.07
N LEU A 27 -16.19 12.26 -16.42
N LEU A 27 -16.18 12.29 -16.40
CA LEU A 27 -14.95 11.53 -16.10
CA LEU A 27 -14.93 11.60 -16.06
C LEU A 27 -14.26 11.06 -17.35
C LEU A 27 -14.26 11.01 -17.32
N ILE A 28 -15.01 10.56 -18.33
CA ILE A 28 -14.39 10.15 -19.58
C ILE A 28 -13.69 11.38 -20.23
N THR A 29 -14.34 12.55 -20.27
CA THR A 29 -13.73 13.71 -20.84
C THR A 29 -12.43 14.07 -20.09
N PHE A 30 -12.51 14.05 -18.78
CA PHE A 30 -11.36 14.44 -17.93
C PHE A 30 -10.20 13.46 -18.15
N VAL A 31 -10.44 12.17 -18.04
CA VAL A 31 -9.31 11.24 -18.14
C VAL A 31 -8.70 11.33 -19.54
N ASN A 32 -9.49 11.60 -20.59
N ASN A 32 -9.56 11.39 -20.58
CA ASN A 32 -8.88 11.73 -21.91
CA ASN A 32 -9.10 11.44 -21.97
C ASN A 32 -8.13 13.05 -22.11
C ASN A 32 -8.32 12.71 -22.25
N LYS A 33 -8.55 14.13 -21.44
N LYS A 33 -8.69 13.82 -21.61
CA LYS A 33 -7.81 15.38 -21.51
CA LYS A 33 -7.92 15.05 -21.77
C LYS A 33 -6.33 15.13 -21.22
C LYS A 33 -6.43 14.83 -21.46
N HIS A 34 -6.13 14.17 -20.33
CA HIS A 34 -4.76 13.82 -19.93
C HIS A 34 -4.19 12.67 -20.70
N LEU A 35 -4.90 11.55 -20.76
CA LEU A 35 -4.35 10.36 -21.40
C LEU A 35 -4.13 10.56 -22.89
N ASN A 36 -4.88 11.45 -23.55
CA ASN A 36 -4.62 11.76 -24.94
C ASN A 36 -3.20 12.33 -25.15
N LYS A 37 -2.59 12.91 -24.12
CA LYS A 37 -1.20 13.38 -24.20
C LYS A 37 -0.23 12.23 -24.50
N LEU A 38 -0.64 11.01 -24.16
N LEU A 38 -0.65 11.01 -24.17
CA LEU A 38 0.13 9.77 -24.39
CA LEU A 38 0.13 9.80 -24.38
C LEU A 38 -0.47 8.96 -25.56
C LEU A 38 -0.44 8.98 -25.55
N ASN A 39 -1.35 9.57 -26.33
CA ASN A 39 -2.04 8.87 -27.43
C ASN A 39 -2.87 7.70 -26.99
N LEU A 40 -3.45 7.83 -25.80
CA LEU A 40 -4.31 6.78 -25.21
C LEU A 40 -5.72 7.33 -25.06
N GLU A 41 -6.72 6.50 -25.38
CA GLU A 41 -8.17 6.85 -25.31
C GLU A 41 -8.90 5.90 -24.38
N VAL A 42 -9.71 6.43 -23.48
CA VAL A 42 -10.64 5.63 -22.71
C VAL A 42 -12.04 5.80 -23.29
N THR A 43 -12.68 4.68 -23.53
CA THR A 43 -14.08 4.64 -23.94
C THR A 43 -15.01 3.98 -22.91
N GLU A 44 -14.44 3.10 -22.05
N GLU A 44 -14.51 3.41 -21.86
CA GLU A 44 -15.20 2.22 -21.11
CA GLU A 44 -15.49 3.06 -20.87
C GLU A 44 -14.64 2.28 -19.69
C GLU A 44 -14.71 3.01 -19.59
N LEU A 45 -15.28 3.08 -18.85
N LEU A 45 -15.40 3.22 -18.48
CA LEU A 45 -14.83 3.21 -17.46
CA LEU A 45 -14.80 3.24 -17.16
C LEU A 45 -14.92 1.91 -16.67
C LEU A 45 -15.09 1.92 -16.44
N GLU A 46 -15.86 1.04 -17.06
CA GLU A 46 -16.14 -0.23 -16.39
C GLU A 46 -14.93 -1.16 -16.31
N THR A 47 -14.06 -1.10 -17.30
CA THR A 47 -12.94 -2.02 -17.36
C THR A 47 -11.58 -1.42 -17.65
N GLN A 48 -11.49 -0.24 -18.25
CA GLN A 48 -10.21 0.22 -18.76
C GLN A 48 -9.26 0.77 -17.70
N PHE A 49 -9.69 0.87 -16.45
CA PHE A 49 -8.81 1.22 -15.34
C PHE A 49 -8.42 0.04 -14.48
N ALA A 50 -8.97 -1.14 -14.76
CA ALA A 50 -8.80 -2.28 -13.85
C ALA A 50 -7.36 -2.73 -13.73
N ASP A 51 -6.56 -2.62 -14.80
CA ASP A 51 -5.19 -3.16 -14.74
C ASP A 51 -4.19 -2.20 -14.12
N GLY A 52 -4.65 -1.03 -13.70
CA GLY A 52 -3.85 -0.05 -13.02
C GLY A 52 -2.98 0.84 -13.89
N VAL A 53 -2.78 0.48 -15.16
CA VAL A 53 -1.80 1.19 -16.00
C VAL A 53 -2.23 2.63 -16.23
N TYR A 54 -3.46 2.82 -16.70
CA TYR A 54 -3.92 4.17 -16.94
C TYR A 54 -3.99 5.01 -15.68
N LEU A 55 -4.34 4.38 -14.57
N LEU A 55 -4.35 4.42 -14.53
CA LEU A 55 -4.41 5.11 -13.36
CA LEU A 55 -4.37 5.20 -13.30
C LEU A 55 -3.04 5.64 -12.87
C LEU A 55 -2.98 5.72 -12.94
N VAL A 56 -1.99 4.83 -13.02
CA VAL A 56 -0.62 5.29 -12.73
C VAL A 56 -0.23 6.43 -13.67
N LEU A 57 -0.43 6.20 -14.96
CA LEU A 57 -0.01 7.21 -15.95
C LEU A 57 -0.78 8.52 -15.71
N LEU A 58 -2.07 8.41 -15.45
CA LEU A 58 -2.87 9.60 -15.15
C LEU A 58 -2.34 10.35 -13.96
N MET A 59 -1.96 9.63 -12.89
CA MET A 59 -1.44 10.32 -11.70
C MET A 59 -0.19 11.09 -11.98
N GLY A 60 0.72 10.56 -12.80
CA GLY A 60 1.88 11.36 -13.14
C GLY A 60 1.48 12.60 -13.90
N LEU A 61 0.62 12.44 -14.91
CA LEU A 61 0.21 13.58 -15.71
C LEU A 61 -0.46 14.67 -14.91
N LEU A 62 -1.29 14.30 -13.95
CA LEU A 62 -1.98 15.28 -13.12
C LEU A 62 -1.02 16.05 -12.24
N GLU A 63 0.12 15.44 -11.90
CA GLU A 63 1.18 16.09 -11.14
C GLU A 63 2.32 16.62 -12.05
N GLY A 64 2.10 16.68 -13.36
CA GLY A 64 3.03 17.30 -14.27
C GLY A 64 4.22 16.49 -14.70
N TYR A 65 4.15 15.14 -14.54
N TYR A 65 4.15 15.16 -14.71
CA TYR A 65 5.29 14.19 -14.60
CA TYR A 65 5.28 14.44 -15.24
C TYR A 65 4.97 12.96 -15.45
C TYR A 65 4.84 13.11 -15.85
N PHE A 66 5.85 12.60 -16.39
N PHE A 66 5.80 12.56 -16.58
CA PHE A 66 5.73 11.30 -17.06
CA PHE A 66 5.67 11.26 -17.18
C PHE A 66 6.34 10.26 -16.14
C PHE A 66 6.32 10.22 -16.28
N VAL A 67 5.55 9.27 -15.75
CA VAL A 67 6.04 8.21 -14.91
C VAL A 67 6.90 7.26 -15.75
N PRO A 68 8.12 6.93 -15.30
CA PRO A 68 8.94 5.99 -16.07
C PRO A 68 8.19 4.68 -16.28
N LEU A 69 8.20 4.20 -17.52
CA LEU A 69 7.35 3.04 -17.88
C LEU A 69 7.85 1.72 -17.25
N HIS A 70 9.08 1.70 -16.81
CA HIS A 70 9.63 0.52 -16.17
C HIS A 70 9.44 0.56 -14.66
N SER A 71 8.81 1.61 -14.14
N SER A 71 8.82 1.64 -14.12
CA SER A 71 8.71 1.71 -12.71
CA SER A 71 8.60 1.83 -12.66
C SER A 71 7.46 0.98 -12.19
C SER A 71 7.33 1.13 -12.15
N PHE A 72 6.56 0.55 -13.08
CA PHE A 72 5.38 -0.21 -12.71
C PHE A 72 5.19 -1.27 -13.80
N PHE A 73 4.12 -2.04 -13.72
CA PHE A 73 3.89 -3.11 -14.69
C PHE A 73 3.09 -2.61 -15.87
N LEU A 74 3.78 -2.21 -16.94
CA LEU A 74 3.11 -1.59 -18.09
C LEU A 74 2.17 -2.56 -18.78
N THR A 75 2.59 -3.83 -18.76
N THR A 75 2.53 -3.84 -18.73
CA THR A 75 1.83 -4.93 -19.30
CA THR A 75 1.72 -4.89 -19.33
C THR A 75 1.69 -5.94 -18.17
C THR A 75 1.57 -5.98 -18.28
N PRO A 76 0.72 -5.74 -17.28
CA PRO A 76 0.65 -6.65 -16.13
C PRO A 76 0.19 -8.03 -16.54
N ASP A 77 0.83 -9.04 -15.96
CA ASP A 77 0.64 -10.42 -16.39
C ASP A 77 -0.27 -11.22 -15.45
N SER A 78 -0.82 -10.56 -14.43
CA SER A 78 -1.50 -11.24 -13.34
C SER A 78 -2.33 -10.26 -12.55
N PHE A 79 -3.30 -10.79 -11.82
CA PHE A 79 -4.05 -10.07 -10.81
C PHE A 79 -3.09 -9.30 -9.91
N GLU A 80 -2.05 -9.96 -9.42
CA GLU A 80 -1.17 -9.36 -8.44
C GLU A 80 -0.46 -8.14 -9.02
N GLN A 81 0.02 -8.25 -10.26
CA GLN A 81 0.67 -7.07 -10.86
C GLN A 81 -0.30 -5.92 -11.04
N LYS A 82 -1.57 -6.22 -11.39
CA LYS A 82 -2.59 -5.15 -11.47
C LYS A 82 -2.82 -4.49 -10.12
N VAL A 83 -2.91 -5.27 -9.04
CA VAL A 83 -3.12 -4.72 -7.73
C VAL A 83 -1.95 -3.86 -7.33
N LEU A 84 -0.71 -4.32 -7.64
CA LEU A 84 0.44 -3.52 -7.35
C LEU A 84 0.38 -2.19 -8.13
N ASN A 85 -0.02 -2.20 -9.40
CA ASN A 85 -0.16 -0.94 -10.12
C ASN A 85 -1.17 -0.02 -9.46
N VAL A 86 -2.34 -0.52 -9.12
N VAL A 86 -2.34 -0.52 -9.14
CA VAL A 86 -3.35 0.33 -8.48
CA VAL A 86 -3.37 0.35 -8.56
C VAL A 86 -2.82 0.88 -7.17
C VAL A 86 -2.97 0.79 -7.16
N SER A 87 -2.17 0.03 -6.37
N SER A 87 -2.15 -0.01 -6.47
CA SER A 87 -1.58 0.48 -5.10
CA SER A 87 -1.61 0.41 -5.19
C SER A 87 -0.60 1.59 -5.35
C SER A 87 -0.60 1.56 -5.35
N PHE A 88 0.22 1.50 -6.40
CA PHE A 88 1.19 2.54 -6.71
C PHE A 88 0.45 3.84 -7.07
N ALA A 89 -0.61 3.75 -7.88
CA ALA A 89 -1.39 4.96 -8.17
C ALA A 89 -1.95 5.56 -6.88
N PHE A 90 -2.46 4.73 -5.97
CA PHE A 90 -2.97 5.25 -4.71
C PHE A 90 -1.87 5.90 -3.88
N GLU A 91 -0.67 5.33 -3.92
CA GLU A 91 0.50 5.93 -3.24
C GLU A 91 0.77 7.31 -3.82
N LEU A 92 0.77 7.43 -5.13
CA LEU A 92 1.02 8.74 -5.76
C LEU A 92 -0.08 9.74 -5.36
N MET A 93 -1.32 9.28 -5.26
CA MET A 93 -2.39 10.16 -4.80
C MET A 93 -2.07 10.70 -3.42
N GLN A 94 -1.72 9.82 -2.50
CA GLN A 94 -1.42 10.22 -1.14
C GLN A 94 -0.16 11.05 -1.03
N ASP A 95 0.84 10.77 -1.85
CA ASP A 95 2.05 11.56 -1.86
C ASP A 95 1.70 13.02 -2.22
N GLY A 96 0.69 13.20 -3.06
CA GLY A 96 0.26 14.52 -3.50
C GLY A 96 -0.68 15.19 -2.55
N GLY A 97 -1.07 14.52 -1.48
CA GLY A 97 -1.89 15.16 -0.46
C GLY A 97 -3.30 14.64 -0.34
N LEU A 98 -3.76 13.77 -1.24
N LEU A 98 -3.67 13.74 -1.25
CA LEU A 98 -5.09 13.18 -1.06
CA LEU A 98 -5.01 13.20 -1.26
C LEU A 98 -5.11 12.23 0.13
C LEU A 98 -5.26 12.29 -0.08
N GLU A 99 -6.27 12.14 0.78
N GLU A 99 -6.41 12.50 0.55
CA GLU A 99 -6.49 11.08 1.75
CA GLU A 99 -6.87 11.55 1.52
C GLU A 99 -6.44 9.69 1.10
C GLU A 99 -6.75 10.14 0.93
N LYS A 100 -6.08 8.65 1.84
N LYS A 100 -6.55 9.17 1.81
CA LYS A 100 -6.09 7.31 1.30
CA LYS A 100 -6.44 7.76 1.41
C LYS A 100 -7.49 7.10 0.72
C LYS A 100 -7.71 7.26 0.68
N PRO A 101 -7.57 6.62 -0.51
CA PRO A 101 -8.86 6.22 -1.11
C PRO A 101 -9.64 5.24 -0.25
N LYS A 102 -10.96 5.36 -0.34
N LYS A 102 -10.95 5.31 -0.37
N LYS A 102 -10.96 5.29 -0.37
N LYS A 102 -10.96 5.28 -0.36
CA LYS A 102 -11.89 4.44 0.30
CA LYS A 102 -11.84 4.40 0.35
CA LYS A 102 -11.82 4.39 0.37
CA LYS A 102 -11.78 4.35 0.41
C LYS A 102 -11.72 3.02 -0.20
C LYS A 102 -11.81 2.97 -0.19
C LYS A 102 -11.82 2.95 -0.19
C LYS A 102 -11.80 2.93 -0.18
N PRO A 103 -11.83 2.78 -1.52
CA PRO A 103 -11.77 1.41 -2.01
C PRO A 103 -10.43 0.74 -1.76
N ARG A 104 -10.48 -0.57 -1.54
N ARG A 104 -10.41 -0.55 -1.81
CA ARG A 104 -9.29 -1.45 -1.64
CA ARG A 104 -9.11 -1.18 -1.78
C ARG A 104 -8.71 -1.37 -3.05
C ARG A 104 -8.60 -1.34 -3.19
N PRO A 105 -7.40 -1.56 -3.23
N PRO A 105 -7.27 -1.35 -3.35
CA PRO A 105 -6.84 -1.49 -4.59
CA PRO A 105 -6.76 -1.47 -4.72
C PRO A 105 -7.40 -2.60 -5.49
C PRO A 105 -7.43 -2.61 -5.52
N GLU A 106 -7.64 -3.76 -4.90
CA GLU A 106 -8.22 -4.86 -5.63
C GLU A 106 -9.65 -4.59 -6.08
N ASP A 107 -10.35 -3.64 -5.43
CA ASP A 107 -11.71 -3.31 -5.86
C ASP A 107 -11.69 -2.73 -7.30
N ILE A 108 -10.65 -1.96 -7.59
N ILE A 108 -10.63 -2.05 -7.70
CA ILE A 108 -10.45 -1.40 -8.92
CA ILE A 108 -10.57 -1.53 -9.07
C ILE A 108 -10.11 -2.56 -9.89
C ILE A 108 -10.14 -2.62 -10.07
N VAL A 109 -9.20 -3.44 -9.49
N VAL A 109 -9.20 -3.47 -9.70
CA VAL A 109 -8.81 -4.57 -10.35
CA VAL A 109 -8.85 -4.61 -10.55
C VAL A 109 -10.02 -5.46 -10.65
C VAL A 109 -10.04 -5.55 -10.69
N ASN A 110 -10.88 -5.64 -9.67
CA ASN A 110 -12.09 -6.45 -9.78
C ASN A 110 -13.25 -5.69 -10.45
N CYS A 111 -12.97 -4.54 -11.03
CA CYS A 111 -13.95 -3.84 -11.85
C CYS A 111 -15.20 -3.46 -11.06
N ASP A 112 -15.05 -3.08 -9.80
CA ASP A 112 -16.19 -2.50 -9.08
C ASP A 112 -16.41 -1.08 -9.57
N LEU A 113 -17.55 -0.81 -10.21
CA LEU A 113 -17.75 0.48 -10.86
C LEU A 113 -17.80 1.62 -9.86
N LYS A 114 -18.52 1.51 -8.75
N LYS A 114 -18.53 1.46 -8.77
CA LYS A 114 -18.58 2.64 -7.81
CA LYS A 114 -18.64 2.56 -7.82
C LYS A 114 -17.17 2.97 -7.35
C LYS A 114 -17.24 2.94 -7.26
N SER A 115 -16.40 1.95 -6.97
CA SER A 115 -15.05 2.21 -6.51
C SER A 115 -14.22 2.99 -7.52
N THR A 116 -14.32 2.53 -8.76
CA THR A 116 -13.54 3.12 -9.85
C THR A 116 -13.97 4.58 -10.05
N LEU A 117 -15.29 4.79 -10.12
CA LEU A 117 -15.80 6.15 -10.33
C LEU A 117 -15.48 7.05 -9.15
N ARG A 118 -15.53 6.57 -7.91
N ARG A 118 -15.56 6.51 -7.95
CA ARG A 118 -15.20 7.44 -6.77
CA ARG A 118 -15.27 7.28 -6.76
C ARG A 118 -13.77 7.90 -6.87
C ARG A 118 -13.82 7.81 -6.80
N VAL A 119 -12.87 6.94 -7.15
CA VAL A 119 -11.47 7.31 -7.24
C VAL A 119 -11.27 8.34 -8.33
N LEU A 120 -11.83 8.12 -9.50
CA LEU A 120 -11.68 9.06 -10.58
C LEU A 120 -12.33 10.42 -10.26
N TYR A 121 -13.49 10.39 -9.62
CA TYR A 121 -14.18 11.64 -9.26
C TYR A 121 -13.34 12.47 -8.31
N ASN A 122 -12.69 11.83 -7.32
CA ASN A 122 -11.87 12.59 -6.42
C ASN A 122 -10.66 13.19 -7.13
N LEU A 123 -10.13 12.53 -8.17
CA LEU A 123 -9.12 13.14 -8.97
C LEU A 123 -9.66 14.33 -9.73
N PHE A 124 -10.84 14.20 -10.33
CA PHE A 124 -11.44 15.31 -11.07
C PHE A 124 -11.64 16.52 -10.17
N THR A 125 -12.16 16.33 -8.98
N THR A 125 -12.19 16.30 -8.99
CA THR A 125 -12.47 17.50 -8.20
CA THR A 125 -12.44 17.41 -8.04
C THR A 125 -11.20 18.21 -7.71
C THR A 125 -11.17 18.20 -7.85
N LYS A 126 -10.10 17.47 -7.53
CA LYS A 126 -8.83 18.09 -7.18
C LYS A 126 -8.12 18.72 -8.37
N TYR A 127 -8.11 18.01 -9.49
CA TYR A 127 -7.21 18.30 -10.59
C TYR A 127 -7.90 18.84 -11.84
N ARG A 128 -9.18 19.22 -11.74
CA ARG A 128 -9.90 19.68 -12.92
C ARG A 128 -9.26 20.87 -13.62
N ASN A 129 -8.43 21.65 -12.92
CA ASN A 129 -7.77 22.81 -13.55
C ASN A 129 -6.38 22.55 -14.11
N VAL A 130 -5.87 21.32 -13.99
CA VAL A 130 -4.60 20.98 -14.63
C VAL A 130 -4.81 21.01 -16.13
N GLU A 131 -3.95 21.75 -16.85
CA GLU A 131 -4.11 21.85 -18.29
C GLU A 131 -3.72 20.59 -19.05
N ARG B 6 20.56 10.83 4.86
CA ARG B 6 20.97 9.95 6.00
C ARG B 6 20.54 10.58 7.30
N ASP B 7 20.13 9.73 8.23
CA ASP B 7 19.77 10.13 9.54
C ASP B 7 20.50 9.29 10.57
N ALA B 8 20.10 9.45 11.83
CA ALA B 8 20.76 8.82 12.93
C ALA B 8 20.66 7.31 12.87
N PHE B 9 19.60 6.78 12.25
N PHE B 9 19.64 6.74 12.26
CA PHE B 9 19.46 5.33 12.08
CA PHE B 9 19.62 5.29 12.18
C PHE B 9 20.55 4.82 11.13
C PHE B 9 20.52 4.76 11.08
N ASP B 10 20.74 5.53 10.02
CA ASP B 10 21.83 5.19 9.11
C ASP B 10 23.17 5.16 9.84
N THR B 11 23.39 6.15 10.70
CA THR B 11 24.65 6.22 11.47
C THR B 11 24.82 5.00 12.38
N LEU B 12 23.77 4.67 13.14
N LEU B 12 23.79 4.63 13.10
CA LEU B 12 23.70 3.45 13.97
CA LEU B 12 23.93 3.49 13.98
C LEU B 12 24.12 2.25 13.14
C LEU B 12 24.10 2.19 13.17
N PHE B 13 23.35 2.04 12.08
CA PHE B 13 23.48 0.82 11.28
C PHE B 13 24.90 0.67 10.67
N ASP B 14 25.39 1.75 10.09
CA ASP B 14 26.64 1.72 9.39
C ASP B 14 27.87 1.82 10.26
N HIS B 15 27.78 2.45 11.42
CA HIS B 15 28.99 2.81 12.15
C HIS B 15 29.05 2.39 13.61
N ALA B 16 27.98 1.79 14.14
CA ALA B 16 27.91 1.47 15.55
C ALA B 16 27.54 0.01 15.76
N PRO B 17 28.46 -0.91 15.46
CA PRO B 17 28.11 -2.34 15.48
C PRO B 17 27.63 -2.89 16.83
N ASP B 18 28.20 -2.44 17.93
N ASP B 18 28.12 -2.30 17.93
CA ASP B 18 27.77 -2.96 19.22
CA ASP B 18 27.66 -2.67 19.29
C ASP B 18 26.34 -2.53 19.49
C ASP B 18 26.28 -2.08 19.65
N LYS B 19 26.08 -1.25 19.24
N LYS B 19 25.99 -0.86 19.23
CA LYS B 19 24.74 -0.73 19.46
CA LYS B 19 24.62 -0.38 19.36
C LYS B 19 23.74 -1.38 18.51
C LYS B 19 23.68 -1.20 18.46
N LEU B 20 24.15 -1.60 17.27
CA LEU B 20 23.26 -2.30 16.30
C LEU B 20 22.90 -3.67 16.84
N ASN B 21 23.85 -4.38 17.46
N ASN B 21 23.89 -4.33 17.44
CA ASN B 21 23.52 -5.71 18.00
CA ASN B 21 23.68 -5.63 18.08
C ASN B 21 22.52 -5.61 19.14
C ASN B 21 22.55 -5.57 19.08
N VAL B 22 22.63 -4.58 19.97
CA VAL B 22 21.65 -4.40 21.02
C VAL B 22 20.27 -4.11 20.39
N VAL B 23 20.23 -3.26 19.37
CA VAL B 23 18.97 -3.00 18.64
C VAL B 23 18.35 -4.28 18.11
N LYS B 24 19.16 -5.12 17.46
N LYS B 24 19.18 -5.10 17.49
N LYS B 24 19.17 -5.13 17.46
CA LYS B 24 18.62 -6.37 16.88
CA LYS B 24 18.66 -6.30 16.89
CA LYS B 24 18.62 -6.36 16.91
C LYS B 24 18.05 -7.28 17.98
C LYS B 24 18.08 -7.25 17.96
C LYS B 24 18.02 -7.21 18.02
N LYS B 25 18.78 -7.40 19.10
CA LYS B 25 18.31 -8.20 20.25
CA LYS B 25 18.27 -8.27 20.14
C LYS B 25 16.99 -7.70 20.75
N THR B 26 16.92 -6.38 20.91
CA THR B 26 15.73 -5.71 21.47
C THR B 26 14.55 -5.91 20.53
N LEU B 27 14.78 -5.81 19.23
CA LEU B 27 13.69 -5.97 18.25
C LEU B 27 13.21 -7.39 18.21
N ILE B 28 14.10 -8.39 18.34
CA ILE B 28 13.65 -9.76 18.34
CA ILE B 28 13.69 -9.78 18.42
C ILE B 28 12.75 -9.97 19.57
N THR B 29 13.16 -9.49 20.75
CA THR B 29 12.35 -9.65 21.95
C THR B 29 10.98 -9.03 21.75
N PHE B 30 10.96 -7.81 21.20
CA PHE B 30 9.71 -7.08 20.95
C PHE B 30 8.78 -7.82 19.99
N VAL B 31 9.31 -8.25 18.83
CA VAL B 31 8.42 -8.89 17.88
C VAL B 31 7.89 -10.20 18.46
N ASN B 32 8.72 -10.94 19.21
CA ASN B 32 8.30 -12.22 19.81
C ASN B 32 7.32 -12.03 20.95
N LYS B 33 7.42 -10.92 21.68
N LYS B 33 7.40 -10.91 21.66
N LYS B 33 7.36 -10.95 21.70
CA LYS B 33 6.44 -10.53 22.70
CA LYS B 33 6.45 -10.59 22.73
CA LYS B 33 6.36 -10.79 22.75
C LYS B 33 5.03 -10.76 22.18
C LYS B 33 5.02 -10.70 22.20
C LYS B 33 4.99 -10.94 22.10
N HIS B 34 4.83 -10.36 20.93
CA HIS B 34 3.55 -10.41 20.23
C HIS B 34 3.39 -11.71 19.46
N LEU B 35 4.36 -12.05 18.60
CA LEU B 35 4.21 -13.21 17.73
C LEU B 35 4.18 -14.53 18.50
N ASN B 36 4.83 -14.58 19.66
CA ASN B 36 4.77 -15.81 20.47
C ASN B 36 3.34 -16.10 20.91
N LYS B 37 2.48 -15.07 20.99
N LYS B 37 2.46 -15.09 20.95
N LYS B 37 2.46 -15.10 20.96
CA LYS B 37 1.10 -15.28 21.37
CA LYS B 37 1.05 -15.31 21.27
CA LYS B 37 1.06 -15.34 21.30
C LYS B 37 0.34 -16.11 20.30
C LYS B 37 0.38 -16.23 20.29
C LYS B 37 0.38 -16.22 20.29
N LEU B 38 0.88 -16.17 19.06
CA LEU B 38 0.35 -16.98 17.98
C LEU B 38 1.19 -18.24 17.75
N ASN B 39 2.03 -18.61 18.73
N ASN B 39 2.05 -18.60 18.69
CA ASN B 39 2.95 -19.75 18.56
CA ASN B 39 2.84 -19.78 18.48
C ASN B 39 3.85 -19.59 17.33
C ASN B 39 3.92 -19.61 17.40
N LEU B 40 4.36 -18.37 17.17
CA LEU B 40 5.36 -18.07 16.16
C LEU B 40 6.58 -17.52 16.87
N GLU B 41 7.78 -17.82 16.35
CA GLU B 41 9.04 -17.40 16.94
C GLU B 41 9.97 -16.90 15.88
N VAL B 42 10.43 -15.68 16.05
CA VAL B 42 11.44 -15.09 15.19
C VAL B 42 12.82 -15.29 15.82
N THR B 43 13.72 -15.81 15.00
N THR B 43 13.80 -15.67 15.00
CA THR B 43 15.10 -15.98 15.40
CA THR B 43 15.21 -15.64 15.41
C THR B 43 16.08 -15.09 14.68
C THR B 43 16.09 -14.94 14.38
N GLU B 44 15.71 -14.55 13.52
N GLU B 44 15.62 -14.79 13.14
CA GLU B 44 16.62 -13.67 12.82
CA GLU B 44 16.48 -14.15 12.15
C GLU B 44 15.77 -12.75 12.01
C GLU B 44 15.86 -12.89 11.51
N LEU B 45 16.29 -11.62 11.90
CA LEU B 45 15.65 -10.46 11.28
C LEU B 45 16.08 -10.29 9.83
N GLU B 46 17.14 -10.98 9.40
CA GLU B 46 17.64 -10.86 8.04
C GLU B 46 16.66 -11.36 7.00
N THR B 47 15.85 -12.36 7.35
CA THR B 47 14.97 -13.01 6.39
C THR B 47 13.53 -13.29 6.85
N GLN B 48 13.27 -13.36 8.15
N GLN B 48 13.23 -13.36 8.14
N GLN B 48 13.28 -13.34 8.15
CA GLN B 48 11.99 -13.88 8.61
CA GLN B 48 11.94 -13.91 8.54
CA GLN B 48 12.01 -13.86 8.66
C GLN B 48 10.80 -12.96 8.33
C GLN B 48 10.77 -12.91 8.44
C GLN B 48 10.81 -12.89 8.57
N PHE B 49 11.07 -11.67 8.07
CA PHE B 49 10.02 -10.69 7.77
C PHE B 49 9.84 -10.45 6.27
N ALA B 50 10.66 -11.07 5.43
CA ALA B 50 10.72 -10.70 4.02
C ALA B 50 9.43 -11.04 3.26
N ASP B 51 8.69 -12.06 3.67
CA ASP B 51 7.52 -12.49 2.92
C ASP B 51 6.25 -11.73 3.33
N GLY B 52 6.40 -10.81 4.28
CA GLY B 52 5.33 -9.94 4.72
C GLY B 52 4.32 -10.53 5.68
N VAL B 53 4.33 -11.86 5.89
CA VAL B 53 3.30 -12.50 6.69
C VAL B 53 3.36 -12.06 8.14
N TYR B 54 4.54 -12.19 8.76
CA TYR B 54 4.69 -11.78 10.15
C TYR B 54 4.46 -10.28 10.36
N LEU B 55 4.82 -9.42 9.41
N LEU B 55 4.78 -9.50 9.36
CA LEU B 55 4.51 -7.98 9.58
CA LEU B 55 4.62 -8.07 9.48
C LEU B 55 3.01 -7.79 9.67
C LEU B 55 3.12 -7.69 9.52
N VAL B 56 2.28 -8.38 8.73
CA VAL B 56 0.84 -8.20 8.76
C VAL B 56 0.29 -8.67 10.10
N LEU B 57 0.67 -9.88 10.52
CA LEU B 57 0.17 -10.41 11.79
C LEU B 57 0.57 -9.52 12.96
N LEU B 58 1.81 -9.07 12.97
CA LEU B 58 2.28 -8.20 14.01
C LEU B 58 1.47 -6.93 14.09
N MET B 59 1.14 -6.35 12.94
CA MET B 59 0.35 -5.10 12.95
C MET B 59 -1.01 -5.32 13.61
N GLY B 60 -1.62 -6.48 13.41
CA GLY B 60 -2.87 -6.83 14.14
C GLY B 60 -2.71 -6.94 15.64
N LEU B 61 -1.62 -7.59 16.05
N LEU B 61 -1.65 -7.67 16.03
N LEU B 61 -1.65 -7.64 16.06
CA LEU B 61 -1.34 -7.80 17.47
CA LEU B 61 -1.30 -7.85 17.43
CA LEU B 61 -1.32 -7.78 17.47
C LEU B 61 -0.93 -6.52 18.18
C LEU B 61 -0.99 -6.53 18.15
C LEU B 61 -1.16 -6.42 18.08
N LEU B 62 -0.43 -5.54 17.42
CA LEU B 62 -0.06 -4.26 18.00
C LEU B 62 -1.24 -3.29 18.10
N GLU B 63 -2.16 -3.35 17.14
CA GLU B 63 -3.32 -2.47 17.12
C GLU B 63 -4.54 -3.05 17.79
N GLY B 64 -4.53 -4.32 18.15
N GLY B 64 -4.57 -4.34 18.10
CA GLY B 64 -5.62 -4.94 18.91
CA GLY B 64 -5.71 -4.93 18.79
C GLY B 64 -6.76 -5.48 18.06
C GLY B 64 -6.69 -5.65 17.90
N TYR B 65 -6.56 -5.52 16.75
N TYR B 65 -6.14 -6.56 17.08
CA TYR B 65 -7.58 -5.91 15.80
CA TYR B 65 -6.97 -7.46 16.30
C TYR B 65 -6.86 -6.57 14.64
C TYR B 65 -6.21 -8.47 15.47
N PHE B 66 -7.25 -7.78 14.27
N PHE B 66 -6.95 -9.37 14.86
CA PHE B 66 -6.66 -8.42 13.11
CA PHE B 66 -6.32 -10.36 14.01
C PHE B 66 -7.42 -8.18 11.84
C PHE B 66 -6.62 -9.98 12.57
N VAL B 67 -6.71 -8.17 10.72
N VAL B 67 -5.57 -9.84 11.75
CA VAL B 67 -7.36 -8.21 9.42
CA VAL B 67 -5.80 -9.54 10.35
C VAL B 67 -7.78 -9.69 9.18
C VAL B 67 -6.50 -10.71 9.69
N PRO B 68 -8.72 -9.94 8.26
N PRO B 68 -7.66 -10.45 9.07
CA PRO B 68 -9.08 -11.35 7.89
CA PRO B 68 -8.36 -11.50 8.41
C PRO B 68 -7.93 -12.13 7.12
C PRO B 68 -7.53 -12.17 7.39
N LEU B 69 -7.67 -13.46 7.34
CA LEU B 69 -6.74 -14.25 6.53
C LEU B 69 -7.02 -14.10 5.04
N HIS B 70 -8.27 -13.81 4.68
CA HIS B 70 -8.59 -13.57 3.27
C HIS B 70 -8.07 -12.25 2.68
N SER B 71 -7.54 -11.36 3.52
N SER B 71 -7.61 -11.36 3.57
N SER B 71 -7.59 -11.39 3.58
CA SER B 71 -7.14 -10.05 3.04
CA SER B 71 -7.14 -10.04 3.18
CA SER B 71 -7.13 -10.06 3.23
C SER B 71 -5.64 -9.96 2.75
C SER B 71 -5.72 -10.04 2.61
C SER B 71 -5.73 -10.04 2.63
N PHE B 72 -4.92 -11.07 2.94
CA PHE B 72 -3.51 -11.11 2.53
C PHE B 72 -3.11 -12.51 2.14
N PHE B 73 -1.83 -12.70 1.80
CA PHE B 73 -1.36 -13.98 1.35
C PHE B 73 -0.64 -14.67 2.50
N LEU B 74 -1.37 -15.53 3.20
N LEU B 74 -1.24 -15.72 3.07
CA LEU B 74 -0.85 -16.17 4.39
CA LEU B 74 -0.57 -16.47 4.17
C LEU B 74 0.33 -17.05 4.02
C LEU B 74 0.60 -17.34 3.71
N THR B 75 0.33 -17.54 2.78
N THR B 75 0.52 -17.83 2.48
CA THR B 75 1.39 -18.38 2.22
CA THR B 75 1.61 -18.64 1.91
C THR B 75 1.74 -17.89 0.79
C THR B 75 1.99 -18.01 0.59
N PRO B 76 2.56 -16.81 0.65
CA PRO B 76 2.81 -16.14 -0.62
C PRO B 76 3.71 -16.98 -1.52
N ASP B 77 3.43 -17.01 -2.82
N ASP B 77 3.40 -17.08 -2.80
CA ASP B 77 4.17 -17.91 -3.71
CA ASP B 77 4.21 -17.93 -3.67
C ASP B 77 4.94 -17.20 -4.78
C ASP B 77 4.70 -17.15 -4.89
N SER B 78 5.04 -15.89 -4.66
CA SER B 78 5.75 -15.08 -5.64
C SER B 78 6.27 -13.84 -4.97
N PHE B 79 7.21 -13.22 -5.65
CA PHE B 79 7.70 -11.89 -5.33
C PHE B 79 6.50 -10.95 -5.16
N GLU B 80 5.60 -10.94 -6.13
CA GLU B 80 4.48 -10.00 -6.09
C GLU B 80 3.59 -10.19 -4.88
N GLN B 81 3.29 -11.43 -4.52
CA GLN B 81 2.46 -11.66 -3.35
C GLN B 81 3.17 -11.18 -2.06
N LYS B 82 4.46 -11.48 -1.96
N LYS B 82 4.51 -11.24 -1.99
CA LYS B 82 5.21 -10.98 -0.84
CA LYS B 82 5.23 -10.73 -0.80
C LYS B 82 5.14 -9.48 -0.83
C LYS B 82 5.30 -9.17 -0.74
N VAL B 83 5.32 -8.86 -2.00
N VAL B 83 5.55 -8.51 -1.88
CA VAL B 83 5.30 -7.42 -2.07
CA VAL B 83 5.51 -7.04 -1.90
C VAL B 83 3.91 -6.91 -1.66
C VAL B 83 4.13 -6.52 -1.48
N LEU B 84 2.86 -7.57 -2.12
N LEU B 84 3.11 -7.20 -1.99
CA LEU B 84 1.52 -7.16 -1.70
CA LEU B 84 1.73 -6.86 -1.61
C LEU B 84 1.36 -7.23 -0.18
C LEU B 84 1.52 -7.07 -0.11
N ASN B 85 1.91 -8.24 0.46
CA ASN B 85 1.78 -8.36 1.91
C ASN B 85 2.50 -7.21 2.63
N VAL B 86 3.74 -6.92 2.25
CA VAL B 86 4.47 -5.87 2.92
C VAL B 86 3.78 -4.52 2.71
N SER B 87 3.29 -4.26 1.51
N SER B 87 3.29 -4.29 1.49
CA SER B 87 2.55 -3.03 1.24
CA SER B 87 2.55 -3.07 1.17
C SER B 87 1.36 -2.91 2.16
C SER B 87 1.35 -2.92 2.09
N PHE B 88 0.65 -4.02 2.32
CA PHE B 88 -0.52 -3.99 3.19
C PHE B 88 -0.10 -3.71 4.63
N ALA B 89 1.00 -4.31 5.12
CA ALA B 89 1.48 -3.97 6.44
C ALA B 89 1.81 -2.49 6.56
N PHE B 90 2.41 -1.94 5.53
CA PHE B 90 2.74 -0.53 5.56
C PHE B 90 1.46 0.34 5.60
N GLU B 91 0.43 -0.10 4.89
N GLU B 91 0.42 -0.11 4.88
CA GLU B 91 -0.85 0.57 4.93
CA GLU B 91 -0.90 0.55 4.94
C GLU B 91 -1.38 0.54 6.35
C GLU B 91 -1.39 0.54 6.36
N LEU B 92 -1.32 -0.61 7.03
CA LEU B 92 -1.81 -0.72 8.41
C LEU B 92 -1.04 0.23 9.32
N MET B 93 0.26 0.35 9.10
CA MET B 93 1.06 1.29 9.86
C MET B 93 0.56 2.72 9.69
N GLN B 94 0.35 3.12 8.46
CA GLN B 94 -0.16 4.48 8.17
C GLN B 94 -1.56 4.65 8.71
N ASP B 95 -2.40 3.63 8.63
CA ASP B 95 -3.77 3.76 9.15
C ASP B 95 -3.76 4.10 10.64
N GLY B 96 -2.79 3.54 11.36
CA GLY B 96 -2.62 3.80 12.77
C GLY B 96 -1.98 5.12 13.09
N GLY B 97 -1.45 5.82 12.10
CA GLY B 97 -0.87 7.13 12.31
C GLY B 97 0.60 7.31 12.02
N LEU B 98 1.32 6.22 11.74
N LEU B 98 1.26 6.22 11.65
CA LEU B 98 2.71 6.36 11.36
CA LEU B 98 2.66 6.26 11.30
C LEU B 98 2.87 7.01 10.00
C LEU B 98 2.87 6.99 9.98
N GLU B 99 3.95 7.77 9.87
CA GLU B 99 4.37 8.32 8.61
C GLU B 99 4.63 7.17 7.63
N LYS B 100 4.42 7.42 6.35
CA LYS B 100 4.77 6.47 5.32
C LYS B 100 6.21 6.00 5.55
N PRO B 101 6.43 4.67 5.60
CA PRO B 101 7.81 4.20 5.76
C PRO B 101 8.75 4.68 4.68
N LYS B 102 10.02 4.78 5.03
N LYS B 102 10.02 4.80 5.06
N LYS B 102 10.03 4.85 5.02
CA LYS B 102 11.05 5.22 4.09
CA LYS B 102 11.10 5.21 4.19
CA LYS B 102 11.05 5.21 4.05
C LYS B 102 11.43 4.17 3.06
C LYS B 102 11.39 4.18 3.09
C LYS B 102 11.28 4.12 3.01
N PRO B 103 11.54 2.87 3.46
CA PRO B 103 11.80 1.86 2.44
C PRO B 103 10.58 1.58 1.58
N ARG B 104 10.77 1.09 0.40
N ARG B 104 10.87 1.14 0.33
N ARG B 104 10.79 1.05 0.38
CA ARG B 104 9.62 0.60 -0.28
CA ARG B 104 9.91 0.48 -0.64
CA ARG B 104 9.69 0.49 -0.43
C ARG B 104 9.38 -0.83 0.18
C ARG B 104 9.54 -0.93 -0.12
C ARG B 104 9.38 -0.95 0.02
N PRO B 105 8.15 -1.30 0.05
N PRO B 105 8.29 -1.37 -0.30
N PRO B 105 8.26 -1.51 -0.45
CA PRO B 105 7.81 -2.68 0.40
CA PRO B 105 7.99 -2.69 0.28
CA PRO B 105 7.81 -2.82 0.03
C PRO B 105 8.86 -3.68 -0.11
C PRO B 105 8.81 -3.85 -0.35
C PRO B 105 8.77 -3.91 -0.39
N GLU B 106 9.20 -3.54 -1.37
N GLU B 106 9.24 -3.68 -1.59
N GLU B 106 9.23 -3.83 -1.63
CA GLU B 106 10.06 -4.50 -2.05
CA GLU B 106 10.15 -4.68 -2.15
CA GLU B 106 10.17 -4.83 -2.10
C GLU B 106 11.44 -4.62 -1.42
C GLU B 106 11.50 -4.66 -1.43
C GLU B 106 11.57 -4.64 -1.51
N ASP B 107 11.87 -3.56 -0.77
CA ASP B 107 13.15 -3.55 -0.03
C ASP B 107 13.14 -4.58 1.11
N ILE B 108 11.97 -4.72 1.75
N ILE B 108 11.98 -4.75 1.76
CA ILE B 108 11.79 -5.73 2.77
CA ILE B 108 11.87 -5.76 2.79
C ILE B 108 11.79 -7.11 2.11
C ILE B 108 11.73 -7.16 2.17
N VAL B 109 11.05 -7.28 1.03
CA VAL B 109 11.00 -8.58 0.36
C VAL B 109 12.40 -9.00 -0.10
N ASN B 110 13.21 -8.05 -0.49
CA ASN B 110 14.58 -8.29 -0.96
C ASN B 110 15.58 -8.48 0.17
N CYS B 111 15.10 -8.52 1.42
CA CYS B 111 15.99 -8.78 2.57
C CYS B 111 17.05 -7.70 2.75
N ASP B 112 16.68 -6.44 2.49
CA ASP B 112 17.59 -5.36 2.87
C ASP B 112 17.49 -5.15 4.38
N LEU B 113 18.58 -5.49 5.07
N LEU B 113 18.63 -5.33 5.07
CA LEU B 113 18.49 -5.51 6.53
CA LEU B 113 18.67 -5.23 6.55
C LEU B 113 18.24 -4.12 7.11
C LEU B 113 18.37 -3.84 7.10
N LYS B 114 18.92 -3.08 6.62
N LYS B 114 19.06 -2.83 6.61
CA LYS B 114 18.70 -1.75 7.19
CA LYS B 114 18.77 -1.48 7.08
C LYS B 114 17.23 -1.33 7.05
C LYS B 114 17.27 -1.24 7.02
N SER B 115 16.65 -1.57 5.89
CA SER B 115 15.24 -1.27 5.67
C SER B 115 14.36 -2.01 6.65
N THR B 116 14.63 -3.30 6.84
CA THR B 116 13.84 -4.12 7.71
C THR B 116 13.94 -3.64 9.15
N LEU B 117 15.17 -3.38 9.60
CA LEU B 117 15.37 -2.92 10.96
C LEU B 117 14.75 -1.54 11.17
N ARG B 118 14.82 -0.64 10.20
N ARG B 118 14.82 -0.69 10.16
CA ARG B 118 14.21 0.68 10.40
CA ARG B 118 14.25 0.65 10.20
C ARG B 118 12.71 0.54 10.62
C ARG B 118 12.75 0.59 10.50
N VAL B 119 12.05 -0.27 9.77
CA VAL B 119 10.63 -0.47 9.92
C VAL B 119 10.30 -1.05 11.29
N LEU B 120 11.04 -2.07 11.71
CA LEU B 120 10.76 -2.67 13.01
C LEU B 120 11.06 -1.73 14.16
N TYR B 121 12.11 -0.93 14.02
N TYR B 121 12.14 -0.96 14.03
CA TYR B 121 12.47 0.02 15.07
CA TYR B 121 12.52 0.04 15.03
C TYR B 121 11.37 1.06 15.25
C TYR B 121 11.36 1.01 15.23
N ASN B 122 10.79 1.53 14.15
CA ASN B 122 9.70 2.49 14.27
C ASN B 122 8.46 1.87 14.92
N LEU B 123 8.21 0.57 14.69
CA LEU B 123 7.16 -0.12 15.39
C LEU B 123 7.46 -0.19 16.88
N PHE B 124 8.70 -0.53 17.24
CA PHE B 124 9.11 -0.61 18.64
C PHE B 124 8.90 0.73 19.33
N THR B 125 9.38 1.81 18.75
N THR B 125 9.35 1.79 18.69
CA THR B 125 9.28 3.07 19.49
CA THR B 125 9.27 3.12 19.29
C THR B 125 7.79 3.40 19.71
C THR B 125 7.86 3.50 19.61
N LYS B 126 6.96 3.19 18.69
CA LYS B 126 5.55 3.50 18.86
C LYS B 126 4.81 2.58 19.81
N TYR B 127 5.08 1.28 19.74
CA TYR B 127 4.26 0.26 20.33
C TYR B 127 4.91 -0.49 21.49
N ARG B 128 6.06 -0.05 21.99
CA ARG B 128 6.76 -0.78 23.06
C ARG B 128 5.90 -0.93 24.31
N ASN B 129 4.93 -0.05 24.56
CA ASN B 129 4.08 -0.17 25.73
C ASN B 129 2.97 -1.20 25.59
N VAL B 130 2.68 -1.68 24.40
CA VAL B 130 1.60 -2.66 24.23
C VAL B 130 1.95 -4.00 24.91
N GLU B 131 1.04 -4.46 25.76
CA GLU B 131 1.16 -5.75 26.37
C GLU B 131 0.29 -6.77 25.64
#